data_6Q86
#
_entry.id   6Q86
#
_cell.length_a   55.600
_cell.length_b   55.600
_cell.length_c   150.621
_cell.angle_alpha   90.000
_cell.angle_beta   90.000
_cell.angle_gamma   120.000
#
_symmetry.space_group_name_H-M   'P 31 2 1'
#
loop_
_entity.id
_entity.type
_entity.pdbx_description
1 polymer 'Fucose-binding lectin'
2 polymer SB4
3 non-polymer 'CALCIUM ION'
4 non-polymer '3,7-anhydro-2,8-dideoxy-L-glycero-D-gluco-octonic acid'
5 non-polymer 'AMINO GROUP'
6 water water
#
loop_
_entity_poly.entity_id
_entity_poly.type
_entity_poly.pdbx_seq_one_letter_code
_entity_poly.pdbx_strand_id
1 'polypeptide(L)'
;ATQGVFTLPANTRFGVTAFANSSGTQTVNVLVNNETAATFSGQSTNNAVIGTQVLNSGSSGKVQVQVSVNGRPSDLVSAQ
VILTNELNFALVGSEDGTDNDYNDAVVVINWPLG
;
A,B
2 'polypeptide(D)' (DLY)(DTY)(DLY)(DLY)(DAL)(DLE)(DLY)(DLY)(DLE)(DAL)(DLY)(DLE)(DLE) C,D
#
# COMPACT_ATOMS: atom_id res chain seq x y z
N ALA A 1 -5.75 -1.66 -7.03
CA ALA A 1 -5.82 -3.05 -6.62
C ALA A 1 -6.82 -3.25 -5.49
N THR A 2 -7.16 -4.50 -5.22
CA THR A 2 -8.00 -4.78 -4.08
C THR A 2 -7.26 -4.42 -2.79
N GLN A 3 -7.96 -3.73 -1.91
CA GLN A 3 -7.37 -3.24 -0.67
C GLN A 3 -8.18 -3.69 0.54
N GLY A 4 -7.53 -3.72 1.69
CA GLY A 4 -8.20 -4.09 2.93
C GLY A 4 -8.47 -5.57 3.12
N VAL A 5 -7.86 -6.43 2.31
CA VAL A 5 -8.01 -7.88 2.41
C VAL A 5 -6.67 -8.47 2.80
N PHE A 6 -6.66 -9.32 3.84
CA PHE A 6 -5.43 -9.85 4.42
C PHE A 6 -5.59 -11.33 4.76
N THR A 7 -4.60 -12.14 4.41
CA THR A 7 -4.62 -13.56 4.69
C THR A 7 -3.81 -13.82 5.96
N LEU A 8 -4.48 -14.25 7.01
CA LEU A 8 -3.90 -14.53 8.32
C LEU A 8 -3.69 -16.02 8.48
N PRO A 9 -2.75 -16.41 9.34
CA PRO A 9 -2.68 -17.83 9.72
C PRO A 9 -4.01 -18.30 10.27
N ALA A 10 -4.37 -19.54 9.96
CA ALA A 10 -5.68 -20.05 10.27
C ALA A 10 -5.85 -20.22 11.78
N ASN A 11 -7.09 -20.06 12.24
CA ASN A 11 -7.47 -20.30 13.62
C ASN A 11 -6.56 -19.52 14.57
N THR A 12 -6.32 -18.26 14.24
CA THR A 12 -5.40 -17.41 14.98
C THR A 12 -6.11 -16.18 15.52
N ARG A 13 -5.93 -15.92 16.80
CA ARG A 13 -6.48 -14.72 17.40
C ARG A 13 -5.73 -13.49 16.92
N PHE A 14 -6.49 -12.43 16.61
CA PHE A 14 -5.90 -11.18 16.21
C PHE A 14 -6.73 -10.07 16.81
N GLY A 15 -6.10 -8.92 17.00
CA GLY A 15 -6.79 -7.74 17.46
C GLY A 15 -7.07 -6.83 16.28
N VAL A 16 -8.18 -6.12 16.35
CA VAL A 16 -8.51 -5.12 15.34
C VAL A 16 -9.01 -3.88 16.05
N THR A 17 -8.48 -2.73 15.68
CA THR A 17 -8.74 -1.48 16.36
C THR A 17 -8.98 -0.39 15.32
N ALA A 18 -9.95 0.47 15.56
CA ALA A 18 -10.31 1.51 14.62
C ALA A 18 -10.31 2.88 15.28
N PHE A 19 -9.75 3.86 14.57
CA PHE A 19 -9.71 5.27 14.98
C PHE A 19 -10.43 6.11 13.95
N ALA A 20 -10.94 7.26 14.38
CA ALA A 20 -11.66 8.15 13.49
C ALA A 20 -10.95 9.50 13.41
N ASN A 21 -10.97 10.11 12.22
CA ASN A 21 -10.43 11.45 11.96
C ASN A 21 -11.24 12.08 10.84
N SER A 22 -12.50 12.36 11.11
CA SER A 22 -13.36 12.86 10.04
C SER A 22 -14.56 13.56 10.64
N SER A 23 -15.17 14.42 9.83
CA SER A 23 -16.44 15.02 10.22
C SER A 23 -17.57 13.99 10.24
N GLY A 24 -17.45 12.95 9.45
CA GLY A 24 -18.54 11.99 9.30
C GLY A 24 -18.40 10.81 10.23
N THR A 25 -19.52 10.14 10.46
CA THR A 25 -19.55 8.96 11.30
C THR A 25 -19.09 7.76 10.48
N GLN A 26 -18.04 7.09 10.97
CA GLN A 26 -17.43 5.97 10.25
C GLN A 26 -18.02 4.65 10.71
N THR A 27 -18.23 3.74 9.76
CA THR A 27 -18.78 2.41 10.03
C THR A 27 -17.77 1.37 9.52
N VAL A 28 -17.01 0.78 10.44
CA VAL A 28 -15.95 -0.15 10.12
C VAL A 28 -16.50 -1.57 10.28
N ASN A 29 -16.51 -2.33 9.20
CA ASN A 29 -16.96 -3.71 9.19
C ASN A 29 -15.77 -4.65 9.00
N VAL A 30 -15.69 -5.69 9.81
CA VAL A 30 -14.60 -6.65 9.76
C VAL A 30 -15.17 -8.01 9.39
N LEU A 31 -14.77 -8.54 8.24
CA LEU A 31 -15.28 -9.81 7.75
C LEU A 31 -14.22 -10.89 7.91
N VAL A 32 -14.57 -11.93 8.64
CA VAL A 32 -13.78 -13.16 8.70
C VAL A 32 -14.60 -14.25 8.02
N ASN A 33 -13.98 -14.93 7.05
CA ASN A 33 -14.66 -16.00 6.31
C ASN A 33 -15.79 -15.42 5.46
N ASN A 34 -15.59 -14.22 4.92
CA ASN A 34 -16.56 -13.51 4.09
C ASN A 34 -17.87 -13.23 4.82
N GLU A 35 -17.92 -13.47 6.13
CA GLU A 35 -19.08 -13.17 6.95
C GLU A 35 -18.68 -12.13 7.98
N THR A 36 -19.59 -11.24 8.33
CA THR A 36 -19.25 -10.13 9.20
C THR A 36 -18.94 -10.61 10.61
N ALA A 37 -17.83 -10.13 11.18
CA ALA A 37 -17.35 -10.58 12.48
C ALA A 37 -17.27 -9.50 13.54
N ALA A 38 -17.27 -8.23 13.16
CA ALA A 38 -17.33 -7.13 14.12
C ALA A 38 -17.63 -5.85 13.36
N THR A 39 -18.29 -4.92 14.05
CA THR A 39 -18.70 -3.65 13.46
C THR A 39 -18.40 -2.54 14.45
N PHE A 40 -17.57 -1.59 14.04
CA PHE A 40 -17.29 -0.40 14.82
C PHE A 40 -17.95 0.79 14.15
N SER A 41 -18.48 1.70 14.97
CA SER A 41 -19.08 2.91 14.45
C SER A 41 -18.77 4.05 15.41
N GLY A 42 -18.52 5.23 14.86
CA GLY A 42 -18.20 6.37 15.68
C GLY A 42 -17.73 7.54 14.87
N GLN A 43 -17.66 8.68 15.52
CA GLN A 43 -17.26 9.92 14.88
C GLN A 43 -16.24 10.63 15.75
N SER A 44 -15.10 10.98 15.18
CA SER A 44 -14.14 11.80 15.89
C SER A 44 -13.26 12.48 14.86
N THR A 45 -12.74 13.65 15.25
CA THR A 45 -11.71 14.34 14.50
C THR A 45 -10.40 14.40 15.29
N ASN A 46 -10.29 13.57 16.33
CA ASN A 46 -9.18 13.57 17.27
C ASN A 46 -8.65 12.17 17.51
N ASN A 47 -8.69 11.33 16.48
CA ASN A 47 -8.06 10.01 16.53
C ASN A 47 -8.65 9.11 17.59
N ALA A 48 -9.91 9.33 17.94
CA ALA A 48 -10.52 8.54 19.01
C ALA A 48 -10.66 7.08 18.57
N VAL A 49 -10.40 6.16 19.51
CA VAL A 49 -10.70 4.75 19.29
C VAL A 49 -12.21 4.58 19.19
N ILE A 50 -12.70 4.17 18.03
CA ILE A 50 -14.11 3.90 17.85
C ILE A 50 -14.44 2.43 17.96
N GLY A 51 -13.45 1.59 18.26
CA GLY A 51 -13.67 0.17 18.44
C GLY A 51 -12.37 -0.58 18.61
N THR A 52 -12.41 -1.66 19.37
CA THR A 52 -11.26 -2.53 19.52
C THR A 52 -11.77 -3.87 20.01
N GLN A 53 -11.25 -4.93 19.42
CA GLN A 53 -11.81 -6.25 19.67
C GLN A 53 -10.78 -7.31 19.27
N VAL A 54 -10.88 -8.48 19.91
CA VAL A 54 -10.06 -9.63 19.57
C VAL A 54 -10.93 -10.61 18.80
N LEU A 55 -10.44 -11.06 17.65
CA LEU A 55 -11.18 -12.02 16.86
C LEU A 55 -10.30 -13.23 16.62
N ASN A 56 -10.90 -14.26 16.02
CA ASN A 56 -10.20 -15.46 15.64
C ASN A 56 -10.16 -15.53 14.11
N SER A 57 -9.01 -15.87 13.57
CA SER A 57 -8.79 -15.84 12.13
C SER A 57 -9.68 -16.79 11.35
N GLY A 58 -10.23 -17.80 12.00
CA GLY A 58 -11.10 -18.73 11.31
C GLY A 58 -10.34 -19.74 10.48
N SER A 59 -11.11 -20.51 9.73
CA SER A 59 -10.55 -21.60 8.93
C SER A 59 -9.64 -21.06 7.84
N SER A 60 -10.08 -20.03 7.12
CA SER A 60 -9.39 -19.60 5.92
C SER A 60 -8.33 -18.54 6.17
N GLY A 61 -8.36 -17.87 7.31
CA GLY A 61 -7.47 -16.76 7.52
C GLY A 61 -7.83 -15.52 6.72
N LYS A 62 -8.84 -15.57 5.86
CA LYS A 62 -9.22 -14.39 5.08
C LYS A 62 -9.96 -13.40 5.97
N VAL A 63 -9.37 -12.23 6.15
CA VAL A 63 -9.92 -11.16 6.95
C VAL A 63 -10.03 -9.93 6.07
N GLN A 64 -11.20 -9.28 6.09
CA GLN A 64 -11.46 -8.15 5.22
C GLN A 64 -12.00 -6.99 6.04
N VAL A 65 -11.46 -5.80 5.81
CA VAL A 65 -11.94 -4.57 6.43
C VAL A 65 -12.70 -3.77 5.39
N GLN A 66 -13.86 -3.24 5.79
CA GLN A 66 -14.68 -2.39 4.92
C GLN A 66 -15.10 -1.16 5.70
N VAL A 67 -14.97 0.02 5.09
CA VAL A 67 -15.35 1.27 5.72
C VAL A 67 -16.38 1.98 4.86
N SER A 68 -17.48 2.41 5.49
CA SER A 68 -18.48 3.23 4.83
C SER A 68 -18.84 4.39 5.74
N VAL A 69 -19.09 5.55 5.14
CA VAL A 69 -19.62 6.71 5.85
C VAL A 69 -20.96 7.05 5.22
N ASN A 70 -22.01 7.06 6.04
CA ASN A 70 -23.36 7.34 5.55
C ASN A 70 -23.71 6.40 4.42
N GLY A 71 -23.30 5.13 4.55
CA GLY A 71 -23.59 4.10 3.59
C GLY A 71 -22.84 4.19 2.28
N ARG A 72 -21.82 5.04 2.20
CA ARG A 72 -21.02 5.15 1.00
C ARG A 72 -19.63 4.59 1.29
N PRO A 73 -19.19 3.54 0.59
CA PRO A 73 -17.90 2.94 0.92
C PRO A 73 -16.77 3.94 0.70
N SER A 74 -15.92 4.05 1.72
CA SER A 74 -14.73 4.87 1.60
C SER A 74 -13.74 4.20 0.65
N ASP A 75 -12.81 4.98 0.14
CA ASP A 75 -11.71 4.43 -0.62
C ASP A 75 -10.64 3.98 0.36
N LEU A 76 -10.05 2.82 0.09
CA LEU A 76 -9.16 2.15 1.02
C LEU A 76 -7.74 2.11 0.50
N VAL A 77 -6.78 2.23 1.41
CA VAL A 77 -5.38 1.91 1.19
C VAL A 77 -4.98 0.94 2.29
N SER A 78 -4.10 -0.01 1.97
CA SER A 78 -3.76 -1.05 2.93
C SER A 78 -2.37 -1.60 2.62
N ALA A 79 -1.78 -2.21 3.64
CA ALA A 79 -0.52 -2.94 3.50
C ALA A 79 -0.33 -3.80 4.73
N GLN A 80 0.59 -4.76 4.64
CA GLN A 80 0.96 -5.59 5.77
C GLN A 80 2.45 -5.54 5.99
N VAL A 81 2.86 -5.42 7.25
CA VAL A 81 4.26 -5.34 7.67
C VAL A 81 4.52 -6.48 8.64
N ILE A 82 5.70 -7.09 8.53
CA ILE A 82 6.13 -8.13 9.45
C ILE A 82 7.48 -7.76 10.01
N LEU A 83 7.57 -7.64 11.33
CA LEU A 83 8.82 -7.34 12.03
C LEU A 83 9.37 -8.61 12.66
N THR A 84 10.70 -8.72 12.66
CA THR A 84 11.45 -9.88 13.12
C THR A 84 10.74 -11.20 12.78
N ASN A 85 10.10 -11.23 11.61
CA ASN A 85 9.48 -12.43 11.05
C ASN A 85 8.43 -13.03 11.95
N GLU A 86 7.89 -12.24 12.85
CA GLU A 86 7.00 -12.77 13.88
C GLU A 86 5.87 -11.82 14.24
N LEU A 87 6.05 -10.51 14.13
CA LEU A 87 5.08 -9.53 14.58
C LEU A 87 4.43 -8.88 13.36
N ASN A 88 3.13 -9.11 13.18
CA ASN A 88 2.39 -8.72 11.99
C ASN A 88 1.47 -7.55 12.26
N PHE A 89 1.46 -6.59 11.34
CA PHE A 89 0.54 -5.46 11.36
C PHE A 89 -0.18 -5.45 10.02
N ALA A 90 -1.50 -5.50 10.05
CA ALA A 90 -2.32 -5.27 8.86
C ALA A 90 -2.92 -3.87 9.01
N LEU A 91 -2.64 -3.01 8.04
CA LEU A 91 -2.92 -1.58 8.18
C LEU A 91 -3.88 -1.12 7.09
N VAL A 92 -4.88 -0.33 7.48
CA VAL A 92 -5.88 0.16 6.55
C VAL A 92 -6.12 1.64 6.84
N GLY A 93 -6.11 2.47 5.80
CA GLY A 93 -6.61 3.82 5.91
C GLY A 93 -7.79 3.99 4.98
N SER A 94 -8.61 5.02 5.17
CA SER A 94 -9.78 5.19 4.33
C SER A 94 -10.08 6.67 4.15
N GLU A 95 -10.66 7.00 3.00
CA GLU A 95 -10.99 8.37 2.62
C GLU A 95 -12.46 8.43 2.27
N ASP A 96 -13.19 9.30 2.96
CA ASP A 96 -14.62 9.50 2.74
C ASP A 96 -14.92 10.73 1.91
N GLY A 97 -13.92 11.49 1.54
CA GLY A 97 -14.12 12.80 0.93
C GLY A 97 -13.11 13.12 -0.11
N THR A 98 -12.65 14.36 -0.09
CA THR A 98 -11.93 14.93 -1.20
C THR A 98 -10.50 15.33 -0.87
N ASP A 99 -10.17 15.48 0.42
CA ASP A 99 -8.85 15.95 0.82
C ASP A 99 -7.80 14.87 0.76
N ASN A 100 -8.20 13.60 0.74
CA ASN A 100 -7.28 12.49 0.56
C ASN A 100 -6.28 12.39 1.71
N ASP A 101 -6.75 12.62 2.95
CA ASP A 101 -5.88 12.37 4.09
C ASP A 101 -5.89 10.90 4.48
N TYR A 102 -6.87 10.13 4.01
CA TYR A 102 -6.95 8.68 4.18
C TYR A 102 -6.90 8.25 5.62
N ASN A 103 -7.21 9.15 6.54
CA ASN A 103 -7.18 8.86 7.96
C ASN A 103 -8.58 8.90 8.56
N ASP A 104 -9.60 9.03 7.72
CA ASP A 104 -10.96 9.22 8.23
C ASP A 104 -11.39 8.08 9.14
N ALA A 105 -11.14 6.85 8.70
CA ALA A 105 -11.13 5.70 9.59
C ALA A 105 -9.82 5.00 9.36
N VAL A 106 -9.05 4.80 10.43
CA VAL A 106 -7.79 4.05 10.39
C VAL A 106 -8.00 2.76 11.16
N VAL A 107 -7.60 1.63 10.58
CA VAL A 107 -7.79 0.31 11.18
C VAL A 107 -6.45 -0.40 11.25
N VAL A 108 -6.12 -0.93 12.42
CA VAL A 108 -4.92 -1.73 12.62
C VAL A 108 -5.30 -3.13 13.06
N ILE A 109 -4.73 -4.13 12.41
CA ILE A 109 -4.85 -5.51 12.83
C ILE A 109 -3.47 -6.00 13.20
N ASN A 110 -3.34 -6.54 14.40
CA ASN A 110 -2.07 -7.05 14.89
C ASN A 110 -2.24 -8.48 15.39
N TRP A 111 -1.24 -9.30 15.12
CA TRP A 111 -1.19 -10.66 15.61
C TRP A 111 0.27 -11.09 15.62
N PRO A 112 0.65 -12.05 16.48
CA PRO A 112 -0.22 -12.80 17.38
C PRO A 112 -0.44 -12.11 18.70
N LEU A 113 -1.45 -12.54 19.42
CA LEU A 113 -1.72 -12.02 20.74
C LEU A 113 -1.13 -12.93 21.80
N GLY A 114 -1.17 -12.47 23.04
CA GLY A 114 -0.82 -13.31 24.17
C GLY A 114 0.57 -13.16 24.76
N ALA C 1 -6.49 4.84 -4.39
CA ALA C 1 -5.76 6.08 -4.14
C ALA C 1 -4.61 6.23 -5.09
N THR C 2 -4.03 7.42 -5.11
CA THR C 2 -2.82 7.65 -5.88
C THR C 2 -1.74 6.66 -5.46
N GLN C 3 -1.09 6.06 -6.45
CA GLN C 3 -0.02 5.11 -6.22
C GLN C 3 1.19 5.52 -7.05
N GLY C 4 2.37 5.15 -6.57
CA GLY C 4 3.59 5.41 -7.28
C GLY C 4 4.25 6.76 -7.03
N VAL C 5 3.67 7.61 -6.18
CA VAL C 5 4.20 8.94 -5.89
C VAL C 5 4.84 8.92 -4.51
N PHE C 6 6.05 9.46 -4.39
CA PHE C 6 6.82 9.43 -3.16
C PHE C 6 7.51 10.77 -2.94
N THR C 7 7.44 11.29 -1.71
CA THR C 7 8.14 12.51 -1.35
C THR C 7 9.46 12.17 -0.67
N LEU C 8 10.53 12.49 -1.33
CA LEU C 8 11.87 12.22 -0.84
C LEU C 8 12.47 13.48 -0.24
N PRO C 9 13.52 13.35 0.57
CA PRO C 9 14.25 14.55 0.98
C PRO C 9 14.82 15.25 -0.24
N ALA C 10 14.81 16.57 -0.20
CA ALA C 10 15.23 17.33 -1.37
C ALA C 10 16.72 17.17 -1.63
N ASN C 11 17.10 17.37 -2.90
CA ASN C 11 18.49 17.37 -3.35
C ASN C 11 19.26 16.20 -2.76
N THR C 12 18.69 15.01 -2.92
CA THR C 12 19.26 13.79 -2.39
C THR C 12 19.35 12.77 -3.51
N ARG C 13 20.45 12.01 -3.52
CA ARG C 13 20.56 10.92 -4.47
C ARG C 13 19.72 9.75 -4.00
N PHE C 14 19.01 9.13 -4.93
CA PHE C 14 18.28 7.89 -4.69
C PHE C 14 18.53 6.97 -5.87
N GLY C 15 18.42 5.66 -5.62
CA GLY C 15 18.54 4.67 -6.67
C GLY C 15 17.17 4.19 -7.09
N VAL C 16 17.08 3.68 -8.31
CA VAL C 16 15.81 3.17 -8.82
C VAL C 16 16.08 1.97 -9.70
N THR C 17 15.37 0.89 -9.46
CA THR C 17 15.65 -0.37 -10.14
C THR C 17 14.32 -1.03 -10.49
N ALA C 18 14.29 -1.72 -11.62
CA ALA C 18 13.06 -2.27 -12.15
C ALA C 18 13.28 -3.73 -12.53
N PHE C 19 12.33 -4.58 -12.14
CA PHE C 19 12.31 -5.98 -12.46
C PHE C 19 11.06 -6.27 -13.27
N ALA C 20 11.09 -7.31 -14.10
CA ALA C 20 9.96 -7.65 -14.95
C ALA C 20 9.57 -9.11 -14.74
N ASN C 21 8.26 -9.37 -14.72
CA ASN C 21 7.68 -10.71 -14.58
C ASN C 21 6.36 -10.76 -15.35
N SER C 22 6.46 -10.69 -16.68
CA SER C 22 5.27 -10.69 -17.52
C SER C 22 5.66 -11.12 -18.93
N SER C 23 4.66 -11.19 -19.79
CA SER C 23 4.93 -11.46 -21.19
C SER C 23 5.13 -10.18 -21.98
N GLY C 24 4.52 -9.08 -21.55
CA GLY C 24 4.66 -7.83 -22.26
C GLY C 24 5.92 -7.07 -21.83
N THR C 25 6.40 -6.23 -22.72
CA THR C 25 7.51 -5.35 -22.39
C THR C 25 6.97 -4.22 -21.53
N GLN C 26 7.56 -4.05 -20.35
CA GLN C 26 7.15 -3.01 -19.42
C GLN C 26 7.94 -1.73 -19.69
N THR C 27 7.24 -0.61 -19.79
CA THR C 27 7.88 0.70 -19.96
C THR C 27 7.69 1.48 -18.66
N VAL C 28 8.79 1.64 -17.93
CA VAL C 28 8.80 2.26 -16.60
C VAL C 28 9.36 3.66 -16.74
N ASN C 29 8.56 4.67 -16.43
CA ASN C 29 8.97 6.06 -16.53
C ASN C 29 9.04 6.64 -15.12
N VAL C 30 10.22 7.13 -14.75
CA VAL C 30 10.43 7.78 -13.46
C VAL C 30 10.48 9.27 -13.67
N LEU C 31 9.55 10.00 -13.07
CA LEU C 31 9.48 11.45 -13.20
C LEU C 31 9.93 12.09 -11.90
N VAL C 32 10.90 12.98 -11.98
CA VAL C 32 11.29 13.83 -10.87
C VAL C 32 10.77 15.22 -11.15
N ASN C 33 10.00 15.78 -10.22
CA ASN C 33 9.45 17.13 -10.37
C ASN C 33 8.54 17.20 -11.59
N ASN C 34 7.67 16.20 -11.74
CA ASN C 34 6.72 16.06 -12.84
C ASN C 34 7.41 16.02 -14.20
N GLU C 35 8.73 16.01 -14.24
CA GLU C 35 9.47 15.93 -15.48
C GLU C 35 10.14 14.57 -15.56
N THR C 36 9.98 13.87 -16.68
CA THR C 36 10.56 12.55 -16.83
C THR C 36 12.07 12.62 -16.62
N ALA C 37 12.58 11.67 -15.85
CA ALA C 37 14.00 11.66 -15.48
C ALA C 37 14.69 10.34 -15.76
N ALA C 38 13.95 9.26 -15.93
CA ALA C 38 14.53 7.99 -16.34
C ALA C 38 13.45 7.20 -17.05
N THR C 39 13.89 6.21 -17.84
CA THR C 39 12.96 5.33 -18.54
C THR C 39 13.64 4.00 -18.75
N PHE C 40 12.98 2.92 -18.31
CA PHE C 40 13.45 1.57 -18.51
C PHE C 40 12.40 0.78 -19.27
N SER C 41 12.87 -0.19 -20.06
CA SER C 41 12.00 -1.01 -20.89
C SER C 41 12.63 -2.39 -21.01
N GLY C 42 11.82 -3.43 -20.90
CA GLY C 42 12.34 -4.77 -21.01
C GLY C 42 11.22 -5.79 -20.89
N GLN C 43 11.58 -7.03 -21.19
CA GLN C 43 10.65 -8.15 -21.04
C GLN C 43 11.36 -9.27 -20.32
N SER C 44 10.66 -9.87 -19.35
CA SER C 44 11.18 -11.02 -18.63
C SER C 44 10.06 -11.67 -17.85
N THR C 45 10.15 -12.99 -17.71
CA THR C 45 9.30 -13.76 -16.79
C THR C 45 10.14 -14.38 -15.67
N ASN C 46 11.38 -13.93 -15.47
CA ASN C 46 12.23 -14.43 -14.39
C ASN C 46 12.95 -13.30 -13.69
N ASN C 47 12.24 -12.22 -13.39
CA ASN C 47 12.74 -11.22 -12.45
C ASN C 47 14.00 -10.53 -12.95
N ALA C 48 14.17 -10.44 -14.26
CA ALA C 48 15.34 -9.79 -14.81
C ALA C 48 15.31 -8.30 -14.49
N VAL C 49 16.48 -7.76 -14.15
CA VAL C 49 16.63 -6.32 -13.95
C VAL C 49 16.55 -5.66 -15.31
N ILE C 50 15.47 -4.95 -15.60
CA ILE C 50 15.35 -4.30 -16.90
C ILE C 50 15.88 -2.87 -16.81
N GLY C 51 16.56 -2.54 -15.71
CA GLY C 51 17.16 -1.23 -15.59
C GLY C 51 17.47 -0.80 -14.18
N THR C 52 18.49 0.04 -14.01
CA THR C 52 18.90 0.51 -12.70
C THR C 52 19.68 1.79 -12.90
N GLN C 53 19.53 2.73 -11.97
CA GLN C 53 20.03 4.07 -12.21
C GLN C 53 20.02 4.83 -10.89
N VAL C 54 20.72 5.96 -10.86
CA VAL C 54 20.76 6.83 -9.71
C VAL C 54 20.30 8.20 -10.16
N LEU C 55 19.47 8.85 -9.35
CA LEU C 55 18.94 10.17 -9.70
C LEU C 55 19.00 11.09 -8.50
N ASN C 56 18.64 12.34 -8.75
CA ASN C 56 18.63 13.39 -7.76
C ASN C 56 17.20 13.86 -7.58
N SER C 57 16.83 14.17 -6.35
CA SER C 57 15.45 14.30 -5.94
C SER C 57 14.80 15.60 -6.40
N GLY C 58 15.46 16.37 -7.24
CA GLY C 58 14.97 17.69 -7.57
C GLY C 58 15.01 18.59 -6.34
N SER C 59 14.58 19.82 -6.53
CA SER C 59 14.38 20.72 -5.41
C SER C 59 13.16 20.35 -4.59
N SER C 60 12.23 19.60 -5.18
CA SER C 60 10.95 19.30 -4.55
C SER C 60 10.88 17.92 -3.92
N GLY C 61 11.80 17.02 -4.25
CA GLY C 61 11.75 15.69 -3.70
C GLY C 61 10.65 14.79 -4.22
N LYS C 62 9.80 15.28 -5.12
CA LYS C 62 8.68 14.49 -5.64
C LYS C 62 9.16 13.57 -6.76
N VAL C 63 8.96 12.27 -6.57
CA VAL C 63 9.35 11.24 -7.53
C VAL C 63 8.15 10.36 -7.81
N GLN C 64 7.78 10.25 -9.09
CA GLN C 64 6.59 9.50 -9.51
C GLN C 64 7.02 8.43 -10.50
N VAL C 65 6.66 7.18 -10.21
CA VAL C 65 6.91 6.05 -11.09
C VAL C 65 5.63 5.74 -11.85
N GLN C 66 5.76 5.53 -13.16
CA GLN C 66 4.66 5.08 -13.99
C GLN C 66 5.10 3.84 -14.77
N VAL C 67 4.15 2.96 -15.03
CA VAL C 67 4.40 1.74 -15.79
C VAL C 67 3.33 1.62 -16.87
N SER C 68 3.71 1.16 -18.05
CA SER C 68 2.77 0.88 -19.11
C SER C 68 3.31 -0.25 -19.97
N VAL C 69 2.42 -1.10 -20.46
CA VAL C 69 2.75 -2.18 -21.37
C VAL C 69 2.06 -1.88 -22.69
N ASN C 70 2.85 -1.60 -23.72
CA ASN C 70 2.31 -1.29 -25.05
C ASN C 70 1.31 -0.14 -24.98
N GLY C 71 1.71 0.94 -24.29
CA GLY C 71 0.95 2.17 -24.24
C GLY C 71 -0.18 2.19 -23.23
N ARG C 72 -0.50 1.06 -22.61
CA ARG C 72 -1.60 1.00 -21.66
C ARG C 72 -1.02 1.06 -20.26
N PRO C 73 -1.40 2.03 -19.42
CA PRO C 73 -0.80 2.11 -18.10
C PRO C 73 -1.29 0.97 -17.20
N SER C 74 -0.34 0.26 -16.62
CA SER C 74 -0.67 -0.77 -15.64
C SER C 74 -1.31 -0.14 -14.40
N ASP C 75 -1.98 -0.98 -13.62
CA ASP C 75 -2.48 -0.56 -12.32
C ASP C 75 -1.39 -0.73 -11.28
N LEU C 76 -1.23 0.27 -10.42
CA LEU C 76 -0.11 0.35 -9.49
C LEU C 76 -0.55 0.11 -8.04
N VAL C 77 0.35 -0.51 -7.28
CA VAL C 77 0.33 -0.50 -5.83
C VAL C 77 1.68 -0.01 -5.33
N SER C 78 1.69 0.63 -4.17
CA SER C 78 2.92 1.28 -3.73
C SER C 78 2.86 1.59 -2.23
N ALA C 79 4.03 1.57 -1.60
CA ALA C 79 4.19 1.97 -0.21
C ALA C 79 5.63 2.34 0.03
N GLN C 80 5.88 3.04 1.13
CA GLN C 80 7.22 3.38 1.58
C GLN C 80 7.44 2.77 2.95
N VAL C 81 8.64 2.21 3.19
CA VAL C 81 9.01 1.76 4.52
C VAL C 81 10.34 2.38 4.90
N ILE C 82 10.46 2.74 6.18
CA ILE C 82 11.71 3.27 6.72
C ILE C 82 12.16 2.32 7.81
N LEU C 83 13.40 1.86 7.71
CA LEU C 83 13.99 1.00 8.71
C LEU C 83 14.99 1.79 9.52
N THR C 84 15.06 1.50 10.83
CA THR C 84 15.77 2.27 11.83
C THR C 84 15.82 3.77 11.51
N ASN C 85 14.68 4.32 11.05
CA ASN C 85 14.49 5.76 10.86
C ASN C 85 15.51 6.36 9.91
N GLU C 86 16.04 5.56 8.99
CA GLU C 86 17.20 5.99 8.20
C GLU C 86 17.14 5.45 6.78
N LEU C 87 16.77 4.19 6.65
CA LEU C 87 16.86 3.45 5.40
C LEU C 87 15.47 3.40 4.78
N ASN C 88 15.30 4.03 3.63
CA ASN C 88 13.99 4.18 3.00
C ASN C 88 13.87 3.31 1.77
N PHE C 89 12.82 2.51 1.71
CA PHE C 89 12.41 1.78 0.52
C PHE C 89 11.09 2.35 0.03
N ALA C 90 11.05 2.75 -1.23
CA ALA C 90 9.82 3.11 -1.91
C ALA C 90 9.56 2.03 -2.94
N LEU C 91 8.45 1.30 -2.78
CA LEU C 91 8.21 0.06 -3.49
C LEU C 91 6.98 0.20 -4.38
N VAL C 92 7.08 -0.26 -5.62
CA VAL C 92 5.98 -0.19 -6.57
C VAL C 92 5.79 -1.58 -7.20
N GLY C 93 4.55 -2.03 -7.27
CA GLY C 93 4.21 -3.19 -8.07
C GLY C 93 3.18 -2.80 -9.10
N SER C 94 3.01 -3.62 -10.14
CA SER C 94 2.13 -3.23 -11.23
C SER C 94 1.51 -4.46 -11.89
N GLU C 95 0.27 -4.31 -12.33
CA GLU C 95 -0.48 -5.38 -12.99
C GLU C 95 -0.82 -4.92 -14.40
N ASP C 96 -0.45 -5.73 -15.39
CA ASP C 96 -0.82 -5.44 -16.78
C ASP C 96 -1.97 -6.28 -17.26
N GLY C 97 -2.37 -7.31 -16.52
CA GLY C 97 -3.42 -8.21 -16.96
C GLY C 97 -4.45 -8.54 -15.90
N THR C 98 -4.73 -9.83 -15.76
CA THR C 98 -5.88 -10.27 -14.97
C THR C 98 -5.51 -11.11 -13.76
N ASP C 99 -4.31 -11.69 -13.72
CA ASP C 99 -3.97 -12.56 -12.60
C ASP C 99 -3.75 -11.80 -11.30
N ASN C 100 -3.52 -10.50 -11.37
CA ASN C 100 -3.32 -9.67 -10.19
C ASN C 100 -2.20 -10.19 -9.31
N ASP C 101 -1.10 -10.63 -9.92
CA ASP C 101 0.10 -10.89 -9.15
C ASP C 101 0.90 -9.62 -8.91
N TYR C 102 0.64 -8.58 -9.70
CA TYR C 102 1.18 -7.23 -9.53
C TYR C 102 2.70 -7.22 -9.52
N ASN C 103 3.33 -8.24 -10.08
CA ASN C 103 4.78 -8.28 -10.21
C ASN C 103 5.23 -8.02 -11.63
N ASP C 104 4.30 -7.67 -12.52
CA ASP C 104 4.65 -7.63 -13.93
C ASP C 104 5.77 -6.62 -14.18
N ALA C 105 5.77 -5.53 -13.42
CA ALA C 105 6.93 -4.64 -13.33
C ALA C 105 7.07 -4.22 -11.88
N VAL C 106 8.17 -4.63 -11.25
CA VAL C 106 8.44 -4.32 -9.86
C VAL C 106 9.51 -3.23 -9.83
N VAL C 107 9.23 -2.14 -9.15
CA VAL C 107 10.14 -1.00 -9.06
C VAL C 107 10.52 -0.78 -7.60
N VAL C 108 11.80 -0.55 -7.36
CA VAL C 108 12.32 -0.34 -6.02
C VAL C 108 13.17 0.92 -6.02
N ILE C 109 12.76 1.89 -5.23
CA ILE C 109 13.52 3.12 -5.03
C ILE C 109 14.11 3.06 -3.63
N ASN C 110 15.42 3.30 -3.53
CA ASN C 110 16.07 3.25 -2.24
C ASN C 110 16.92 4.49 -2.04
N TRP C 111 16.98 4.94 -0.79
CA TRP C 111 17.90 6.01 -0.42
C TRP C 111 18.11 5.91 1.08
N PRO C 112 19.19 6.52 1.61
CA PRO C 112 20.26 7.24 0.92
C PRO C 112 21.30 6.31 0.31
N LEU C 113 22.07 6.80 -0.65
CA LEU C 113 23.19 6.05 -1.19
C LEU C 113 24.49 6.59 -0.64
N GLY C 114 25.53 5.80 -0.78
CA GLY C 114 26.86 6.24 -0.41
C GLY C 114 27.47 5.49 0.74
#